data_7UOA
#
_entry.id   7UOA
#
_cell.length_a   79.387
_cell.length_b   79.387
_cell.length_c   215.003
_cell.angle_alpha   90.000
_cell.angle_beta   90.000
_cell.angle_gamma   120.000
#
_symmetry.space_group_name_H-M   'P 65 2 2'
#
loop_
_entity.id
_entity.type
_entity.pdbx_description
1 polymer 'Melanoma antigen A 4'
2 polymer MTP-1
3 non-polymer 1,2-ETHANEDIOL
4 non-polymer 2-AMINO-2-HYDROXYMETHYL-PROPANE-1,3-DIOL
#
loop_
_entity_poly.entity_id
_entity_poly.type
_entity_poly.pdbx_seq_one_letter_code
_entity_poly.pdbx_strand_id
1 'polypeptide(L)'
;SNADAESLFREALSNKVDELAHFLLRKYRAKELVTKAEMLERVIKNYKRCFPVIFGKASESLKMIFGIDVKEVDPTSNTY
TLVTCLGLSYDGLLGNNQIFPKTGLLIIVLGTIAMEGDSASEEEIWEELGVMGVYDGREHTVYGEPRKLLTQDWVQENYL
EYRQVPGSNPARYEFLWGPRALAETSYVKVLEHVVRVNARVRIAYPSLREAALLEEEEGV
;
A
2 'polypeptide(L)' YIRLYDYHNC B
#
loop_
_chem_comp.id
_chem_comp.type
_chem_comp.name
_chem_comp.formula
EDO non-polymer 1,2-ETHANEDIOL 'C2 H6 O2'
TRS non-polymer 2-AMINO-2-HYDROXYMETHYL-PROPANE-1,3-DIOL 'C4 H12 N O3 1'
#
# COMPACT_ATOMS: atom_id res chain seq x y z
N ALA A 3 -14.16 -5.45 -26.86
CA ALA A 3 -15.11 -6.40 -27.43
C ALA A 3 -14.44 -7.76 -27.55
N ASP A 4 -13.14 -7.75 -27.80
CA ASP A 4 -12.39 -8.99 -27.89
C ASP A 4 -12.42 -9.73 -26.56
N ALA A 5 -12.48 -11.06 -26.63
CA ALA A 5 -12.67 -11.86 -25.43
C ALA A 5 -11.45 -11.80 -24.52
N GLU A 6 -10.26 -12.04 -25.08
CA GLU A 6 -9.05 -11.86 -24.29
C GLU A 6 -8.86 -10.41 -23.86
N SER A 7 -9.41 -9.47 -24.62
CA SER A 7 -9.35 -8.07 -24.20
C SER A 7 -10.31 -7.80 -23.05
N LEU A 8 -11.50 -8.40 -23.09
CA LEU A 8 -12.41 -8.33 -21.95
C LEU A 8 -11.98 -9.19 -20.78
N PHE A 9 -11.01 -10.09 -20.99
CA PHE A 9 -10.54 -10.95 -19.92
C PHE A 9 -9.73 -10.15 -18.91
N ARG A 10 -8.67 -9.50 -19.37
CA ARG A 10 -7.81 -8.71 -18.49
C ARG A 10 -8.57 -7.55 -17.85
N GLU A 11 -9.65 -7.07 -18.48
CA GLU A 11 -10.52 -6.12 -17.80
C GLU A 11 -11.28 -6.76 -16.66
N ALA A 12 -11.60 -8.05 -16.78
CA ALA A 12 -12.26 -8.76 -15.69
C ALA A 12 -11.30 -9.09 -14.57
N LEU A 13 -10.06 -9.47 -14.91
CA LEU A 13 -9.04 -9.71 -13.90
C LEU A 13 -8.68 -8.42 -13.19
N SER A 14 -8.39 -7.36 -13.96
CA SER A 14 -8.04 -6.07 -13.37
C SER A 14 -9.15 -5.54 -12.47
N ASN A 15 -10.40 -5.89 -12.77
CA ASN A 15 -11.51 -5.50 -11.91
C ASN A 15 -11.67 -6.43 -10.71
N LYS A 16 -11.29 -7.70 -10.83
CA LYS A 16 -11.31 -8.58 -9.67
C LYS A 16 -10.16 -8.28 -8.72
N VAL A 17 -9.06 -7.74 -9.24
CA VAL A 17 -7.97 -7.28 -8.36
C VAL A 17 -8.46 -6.15 -7.47
N ASP A 18 -9.14 -5.17 -8.08
CA ASP A 18 -9.68 -4.04 -7.35
C ASP A 18 -10.95 -4.38 -6.59
N GLU A 19 -11.57 -5.53 -6.85
CA GLU A 19 -12.70 -5.97 -6.05
C GLU A 19 -12.28 -6.83 -4.87
N LEU A 20 -11.14 -7.51 -4.96
CA LEU A 20 -10.60 -8.24 -3.83
C LEU A 20 -9.91 -7.29 -2.86
N ALA A 21 -9.17 -6.31 -3.38
CA ALA A 21 -8.51 -5.32 -2.56
C ALA A 21 -9.52 -4.56 -1.70
N HIS A 22 -10.53 -3.99 -2.34
CA HIS A 22 -11.61 -3.32 -1.63
C HIS A 22 -12.42 -4.26 -0.75
N PHE A 23 -12.25 -5.58 -0.92
CA PHE A 23 -12.86 -6.53 -0.01
C PHE A 23 -12.00 -6.70 1.25
N LEU A 24 -10.69 -6.87 1.05
CA LEU A 24 -9.79 -7.03 2.18
C LEU A 24 -9.75 -5.79 3.05
N LEU A 25 -9.86 -4.60 2.45
CA LEU A 25 -9.92 -3.39 3.24
C LEU A 25 -11.15 -3.39 4.15
N ARG A 26 -12.26 -3.93 3.66
CA ARG A 26 -13.42 -4.10 4.52
C ARG A 26 -13.16 -5.13 5.61
N LYS A 27 -12.23 -6.06 5.35
CA LYS A 27 -11.88 -7.07 6.35
C LYS A 27 -10.88 -6.53 7.37
N TYR A 28 -9.91 -5.73 6.92
CA TYR A 28 -8.97 -5.13 7.87
C TYR A 28 -9.67 -4.13 8.79
N ARG A 29 -10.63 -3.37 8.27
CA ARG A 29 -11.36 -2.41 9.09
C ARG A 29 -12.19 -3.10 10.15
N ALA A 30 -12.68 -4.32 9.88
CA ALA A 30 -13.46 -5.07 10.84
C ALA A 30 -12.61 -5.94 11.76
N LYS A 31 -11.30 -6.06 11.48
CA LYS A 31 -10.39 -6.87 12.29
C LYS A 31 -10.85 -8.32 12.36
N GLU A 32 -11.29 -8.85 11.23
CA GLU A 32 -11.66 -10.26 11.12
C GLU A 32 -10.56 -11.05 10.43
N LEU A 33 -10.76 -12.36 10.39
CA LEU A 33 -9.87 -13.27 9.68
C LEU A 33 -10.47 -13.60 8.32
N VAL A 34 -9.60 -13.72 7.31
CA VAL A 34 -10.00 -14.06 5.95
C VAL A 34 -9.46 -15.43 5.61
N THR A 35 -10.32 -16.31 5.13
CA THR A 35 -9.92 -17.62 4.63
C THR A 35 -10.00 -17.64 3.12
N LYS A 36 -9.24 -18.56 2.52
CA LYS A 36 -9.27 -18.74 1.06
C LYS A 36 -10.67 -19.08 0.58
N ALA A 37 -11.47 -19.76 1.42
CA ALA A 37 -12.82 -20.13 1.02
C ALA A 37 -13.73 -18.91 0.90
N GLU A 38 -13.51 -17.89 1.73
CA GLU A 38 -14.33 -16.68 1.66
C GLU A 38 -14.10 -15.94 0.36
N MET A 39 -12.83 -15.68 0.03
CA MET A 39 -12.49 -14.91 -1.16
C MET A 39 -12.96 -15.61 -2.43
N LEU A 40 -12.88 -16.95 -2.46
CA LEU A 40 -13.39 -17.69 -3.60
C LEU A 40 -14.91 -17.55 -3.72
N GLU A 41 -15.62 -17.76 -2.61
CA GLU A 41 -17.07 -17.82 -2.69
C GLU A 41 -17.71 -16.45 -2.81
N ARG A 42 -17.07 -15.41 -2.28
CA ARG A 42 -17.71 -14.11 -2.13
C ARG A 42 -16.97 -12.97 -2.83
N VAL A 43 -16.00 -13.29 -3.72
CA VAL A 43 -15.40 -12.26 -4.57
C VAL A 43 -15.17 -12.83 -5.96
N ILE A 44 -14.23 -13.78 -6.07
CA ILE A 44 -13.88 -14.34 -7.37
C ILE A 44 -14.58 -15.68 -7.56
N LYS A 45 -15.90 -15.70 -7.34
CA LYS A 45 -16.68 -16.92 -7.49
C LYS A 45 -16.56 -17.52 -8.88
N ASN A 46 -16.34 -16.68 -9.90
CA ASN A 46 -16.32 -17.13 -11.28
C ASN A 46 -14.94 -17.57 -11.72
N TYR A 47 -13.91 -16.81 -11.34
CA TYR A 47 -12.55 -17.12 -11.75
C TYR A 47 -11.75 -17.64 -10.57
N LYS A 48 -12.17 -18.78 -10.00
CA LYS A 48 -11.55 -19.28 -8.79
C LYS A 48 -10.11 -19.72 -9.04
N ARG A 49 -9.89 -20.49 -10.10
CA ARG A 49 -8.55 -20.99 -10.40
C ARG A 49 -7.56 -19.87 -10.69
N CYS A 50 -8.02 -18.63 -10.82
CA CYS A 50 -7.13 -17.48 -10.94
C CYS A 50 -6.68 -16.93 -9.60
N PHE A 51 -7.02 -17.59 -8.51
CA PHE A 51 -6.69 -17.11 -7.16
C PHE A 51 -5.22 -16.79 -6.97
N PRO A 52 -4.26 -17.61 -7.39
CA PRO A 52 -2.84 -17.25 -7.19
C PRO A 52 -2.43 -15.94 -7.84
N VAL A 53 -3.20 -15.43 -8.81
CA VAL A 53 -2.84 -14.21 -9.50
C VAL A 53 -3.70 -13.02 -9.09
N ILE A 54 -4.98 -13.22 -8.76
CA ILE A 54 -5.78 -12.11 -8.28
C ILE A 54 -5.47 -11.81 -6.83
N PHE A 55 -5.21 -12.85 -6.03
CA PHE A 55 -4.77 -12.66 -4.65
C PHE A 55 -3.35 -12.08 -4.62
N GLY A 56 -2.46 -12.61 -5.45
CA GLY A 56 -1.09 -12.11 -5.48
C GLY A 56 -0.99 -10.68 -5.95
N LYS A 57 -1.88 -10.25 -6.85
CA LYS A 57 -1.92 -8.87 -7.30
C LYS A 57 -2.77 -7.98 -6.40
N ALA A 58 -3.57 -8.55 -5.50
CA ALA A 58 -4.28 -7.75 -4.50
C ALA A 58 -3.46 -7.58 -3.23
N SER A 59 -2.81 -8.66 -2.78
CA SER A 59 -1.90 -8.57 -1.64
C SER A 59 -0.81 -7.53 -1.91
N GLU A 60 -0.27 -7.54 -3.13
CA GLU A 60 0.74 -6.59 -3.53
C GLU A 60 0.18 -5.17 -3.67
N SER A 61 -1.11 -5.05 -3.98
CA SER A 61 -1.78 -3.76 -4.06
C SER A 61 -2.25 -3.26 -2.70
N LEU A 62 -1.99 -3.99 -1.63
CA LEU A 62 -2.25 -3.53 -0.27
C LEU A 62 -0.96 -3.20 0.47
N LYS A 63 0.08 -4.03 0.33
CA LYS A 63 1.36 -3.81 0.99
C LYS A 63 1.96 -2.46 0.64
N MET A 64 1.65 -1.97 -0.57
CA MET A 64 2.31 -0.80 -1.12
C MET A 64 1.41 0.42 -1.25
N ILE A 65 0.10 0.23 -1.32
CA ILE A 65 -0.83 1.34 -1.47
C ILE A 65 -1.36 1.81 -0.12
N PHE A 66 -1.68 0.89 0.79
CA PHE A 66 -2.18 1.24 2.10
C PHE A 66 -1.32 0.69 3.23
N GLY A 67 -0.18 0.06 2.90
CA GLY A 67 0.67 -0.51 3.92
C GLY A 67 -0.03 -1.55 4.76
N ILE A 68 -0.80 -2.42 4.13
CA ILE A 68 -1.51 -3.49 4.82
C ILE A 68 -0.93 -4.82 4.33
N ASP A 69 -0.55 -5.67 5.27
CA ASP A 69 0.13 -6.93 4.99
C ASP A 69 -0.84 -8.09 5.22
N VAL A 70 -0.92 -8.98 4.24
CA VAL A 70 -1.74 -10.20 4.34
C VAL A 70 -0.86 -11.29 4.94
N LYS A 71 -1.07 -11.59 6.22
CA LYS A 71 -0.23 -12.54 6.95
C LYS A 71 -0.99 -13.87 7.10
N GLU A 72 -0.51 -14.90 6.41
CA GLU A 72 -1.05 -16.24 6.60
C GLU A 72 -0.67 -16.76 7.98
N VAL A 73 -1.67 -17.17 8.76
CA VAL A 73 -1.39 -17.78 10.05
C VAL A 73 -0.89 -19.21 9.90
N ASP A 74 -1.19 -19.86 8.78
CA ASP A 74 -0.72 -21.21 8.49
C ASP A 74 -1.04 -22.19 9.60
N SER A 77 -5.02 -24.87 7.71
CA SER A 77 -4.28 -23.69 7.24
C SER A 77 -5.13 -22.84 6.31
N ASN A 78 -4.47 -22.12 5.41
CA ASN A 78 -5.11 -21.24 4.43
C ASN A 78 -5.93 -20.13 5.09
N THR A 79 -5.46 -19.63 6.24
CA THR A 79 -6.11 -18.56 6.96
C THR A 79 -5.18 -17.36 7.02
N TYR A 80 -5.71 -16.17 6.77
CA TYR A 80 -4.93 -14.95 6.70
C TYR A 80 -5.51 -13.90 7.63
N THR A 81 -4.65 -13.03 8.13
CA THR A 81 -5.05 -11.90 8.95
C THR A 81 -4.35 -10.64 8.45
N LEU A 82 -5.02 -9.50 8.61
CA LEU A 82 -4.58 -8.24 8.02
C LEU A 82 -3.98 -7.34 9.10
N VAL A 83 -2.70 -6.99 8.93
CA VAL A 83 -2.00 -6.11 9.85
C VAL A 83 -1.35 -4.99 9.05
N THR A 84 -0.80 -4.02 9.78
CA THR A 84 -0.10 -2.90 9.17
C THR A 84 1.36 -3.27 8.90
N CYS A 85 1.94 -2.63 7.88
CA CYS A 85 3.30 -2.92 7.48
C CYS A 85 4.30 -2.29 8.46
N LEU A 86 5.35 -3.03 8.78
CA LEU A 86 6.36 -2.71 9.78
C LEU A 86 5.76 -2.57 11.18
N GLY A 87 4.51 -2.97 11.37
CA GLY A 87 3.88 -2.91 12.67
C GLY A 87 3.76 -1.51 13.22
N LEU A 88 3.03 -0.64 12.51
CA LEU A 88 2.75 0.70 13.01
C LEU A 88 1.44 0.66 13.79
N SER A 89 0.95 1.82 14.23
CA SER A 89 -0.31 1.91 14.94
C SER A 89 -1.31 2.83 14.27
N TYR A 90 -0.90 3.60 13.26
CA TYR A 90 -1.74 4.58 12.61
C TYR A 90 -2.14 4.09 11.22
N ASP A 91 -3.41 4.27 10.88
CA ASP A 91 -3.91 4.04 9.53
C ASP A 91 -4.65 5.22 8.95
N GLY A 92 -5.27 6.06 9.78
CA GLY A 92 -6.03 7.20 9.32
C GLY A 92 -7.53 7.01 9.33
N LEU A 93 -8.03 5.89 9.84
CA LEU A 93 -9.46 5.60 9.81
C LEU A 93 -10.09 6.13 11.10
N LEU A 94 -10.64 7.33 11.02
CA LEU A 94 -11.31 7.94 12.16
C LEU A 94 -12.45 8.85 11.71
N GLN A 98 -13.90 4.23 8.27
CA GLN A 98 -13.01 3.10 8.00
C GLN A 98 -12.96 2.81 6.51
N ILE A 99 -12.37 3.72 5.74
CA ILE A 99 -12.40 3.61 4.28
C ILE A 99 -11.03 3.27 3.73
N PHE A 100 -10.11 4.24 3.75
CA PHE A 100 -8.83 4.08 3.06
C PHE A 100 -7.67 4.28 4.02
N PRO A 101 -6.81 3.28 4.20
CA PRO A 101 -5.67 3.44 5.11
C PRO A 101 -4.59 4.34 4.49
N LYS A 102 -4.09 5.27 5.30
CA LYS A 102 -3.02 6.17 4.91
C LYS A 102 -1.65 5.70 5.38
N THR A 103 -1.55 4.44 5.83
CA THR A 103 -0.29 3.91 6.33
C THR A 103 0.76 3.85 5.23
N GLY A 104 0.40 3.25 4.09
CA GLY A 104 1.36 3.09 3.00
C GLY A 104 1.94 4.39 2.49
N LEU A 105 1.17 5.48 2.54
CA LEU A 105 1.72 6.77 2.15
C LEU A 105 2.68 7.30 3.20
N LEU A 106 2.38 7.08 4.48
CA LEU A 106 3.30 7.41 5.56
C LEU A 106 4.63 6.69 5.34
N ILE A 107 4.57 5.36 5.20
CA ILE A 107 5.77 4.55 5.02
C ILE A 107 6.53 4.98 3.77
N ILE A 108 5.83 5.51 2.76
CA ILE A 108 6.51 6.05 1.59
C ILE A 108 7.24 7.35 1.95
N VAL A 109 6.59 8.22 2.73
CA VAL A 109 7.23 9.48 3.13
C VAL A 109 8.44 9.20 4.02
N LEU A 110 8.32 8.21 4.90
CA LEU A 110 9.43 7.87 5.81
C LEU A 110 10.66 7.41 5.05
N GLY A 111 10.48 6.42 4.17
CA GLY A 111 11.59 5.92 3.37
C GLY A 111 12.19 6.93 2.43
N THR A 112 11.47 8.01 2.12
CA THR A 112 12.03 9.07 1.30
C THR A 112 12.98 9.95 2.10
N ILE A 113 12.68 10.18 3.38
CA ILE A 113 13.63 10.87 4.25
C ILE A 113 14.78 9.94 4.62
N ALA A 114 14.49 8.65 4.79
CA ALA A 114 15.51 7.70 5.20
C ALA A 114 16.63 7.60 4.17
N MET A 115 16.36 7.99 2.92
CA MET A 115 17.35 7.90 1.87
C MET A 115 18.07 9.21 1.60
N GLU A 116 17.46 10.36 1.92
CA GLU A 116 18.15 11.63 1.88
C GLU A 116 18.91 11.93 3.17
N GLY A 117 19.07 10.93 4.04
CA GLY A 117 19.88 11.08 5.24
C GLY A 117 19.07 11.30 6.49
N ASP A 118 19.53 12.23 7.33
CA ASP A 118 18.78 12.56 8.55
C ASP A 118 17.52 13.35 8.22
N SER A 119 17.60 14.23 7.23
CA SER A 119 16.48 15.09 6.87
C SER A 119 16.39 15.20 5.35
N ALA A 120 15.16 15.39 4.87
CA ALA A 120 14.89 15.56 3.46
C ALA A 120 14.15 16.88 3.25
N SER A 121 14.56 17.62 2.22
CA SER A 121 13.94 18.91 1.94
C SER A 121 12.46 18.73 1.59
N GLU A 122 11.67 19.75 1.92
CA GLU A 122 10.27 19.78 1.50
C GLU A 122 10.13 19.61 -0.01
N GLU A 123 11.07 20.20 -0.76
CA GLU A 123 11.09 20.04 -2.21
C GLU A 123 11.22 18.57 -2.60
N GLU A 124 12.23 17.89 -2.06
CA GLU A 124 12.46 16.49 -2.39
C GLU A 124 11.27 15.62 -2.01
N ILE A 125 10.54 16.00 -0.97
CA ILE A 125 9.38 15.21 -0.55
C ILE A 125 8.24 15.37 -1.56
N TRP A 126 7.93 16.62 -1.93
CA TRP A 126 6.85 16.84 -2.89
C TRP A 126 7.15 16.18 -4.23
N GLU A 127 8.41 16.19 -4.66
CA GLU A 127 8.75 15.62 -5.96
C GLU A 127 8.51 14.11 -5.98
N GLU A 128 8.73 13.43 -4.86
CA GLU A 128 8.37 12.02 -4.77
C GLU A 128 6.86 11.85 -4.75
N LEU A 129 6.15 12.72 -4.01
CA LEU A 129 4.70 12.65 -3.94
C LEU A 129 4.02 13.10 -5.23
N GLY A 130 4.68 13.92 -6.05
CA GLY A 130 4.07 14.35 -7.29
C GLY A 130 4.06 13.30 -8.37
N VAL A 131 5.09 12.44 -8.38
CA VAL A 131 5.15 11.34 -9.33
C VAL A 131 4.07 10.28 -9.07
N MET A 132 3.49 10.26 -7.88
CA MET A 132 2.43 9.31 -7.55
C MET A 132 1.04 9.94 -7.56
N GLY A 133 0.90 11.15 -8.10
CA GLY A 133 -0.41 11.75 -8.23
C GLY A 133 -0.96 12.37 -6.97
N VAL A 134 -0.11 12.92 -6.11
CA VAL A 134 -0.53 13.56 -4.86
C VAL A 134 0.13 14.94 -4.82
N TYR A 135 -0.69 16.00 -4.87
CA TYR A 135 -0.22 17.36 -5.11
C TYR A 135 -0.76 18.31 -4.05
N ASP A 136 0.13 19.16 -3.52
CA ASP A 136 -0.26 20.24 -2.62
C ASP A 136 -1.40 21.05 -3.23
N GLY A 137 -2.49 21.19 -2.48
CA GLY A 137 -3.65 21.89 -2.98
C GLY A 137 -4.53 21.07 -3.89
N ARG A 138 -4.58 19.76 -3.70
CA ARG A 138 -5.44 18.89 -4.49
C ARG A 138 -5.79 17.67 -3.65
N GLU A 139 -7.07 17.55 -3.28
CA GLU A 139 -7.50 16.47 -2.41
C GLU A 139 -7.49 15.13 -3.15
N HIS A 140 -6.40 14.38 -3.03
CA HIS A 140 -6.37 13.01 -3.54
C HIS A 140 -7.45 12.20 -2.86
N THR A 141 -8.20 11.42 -3.66
CA THR A 141 -9.38 10.74 -3.16
C THR A 141 -9.03 9.77 -2.03
N VAL A 142 -8.04 8.92 -2.25
CA VAL A 142 -7.72 7.88 -1.27
C VAL A 142 -6.99 8.48 -0.07
N TYR A 143 -6.10 9.44 -0.31
CA TYR A 143 -5.25 9.97 0.75
C TYR A 143 -5.81 11.23 1.40
N GLY A 144 -6.49 12.07 0.65
CA GLY A 144 -6.96 13.34 1.16
C GLY A 144 -6.05 14.49 0.76
N GLU A 145 -6.19 15.58 1.48
CA GLU A 145 -5.33 16.73 1.25
C GLU A 145 -3.91 16.40 1.70
N PRO A 146 -2.91 16.48 0.82
CA PRO A 146 -1.54 16.08 1.19
C PRO A 146 -0.86 17.02 2.17
N ARG A 147 -0.83 18.32 1.82
CA ARG A 147 -0.13 19.29 2.65
C ARG A 147 -0.64 19.27 4.08
N LYS A 148 -1.97 19.20 4.26
CA LYS A 148 -2.55 19.18 5.59
C LYS A 148 -2.29 17.86 6.31
N LEU A 149 -2.32 16.74 5.58
CA LEU A 149 -2.09 15.45 6.21
C LEU A 149 -0.62 15.26 6.57
N LEU A 150 0.28 15.69 5.70
CA LEU A 150 1.71 15.65 6.00
C LEU A 150 2.02 16.54 7.20
N THR A 151 1.72 17.83 7.08
CA THR A 151 2.02 18.77 8.14
C THR A 151 1.17 18.49 9.38
N GLN A 152 -0.10 18.88 9.37
CA GLN A 152 -0.90 18.87 10.59
C GLN A 152 -1.01 17.47 11.18
N ASP A 153 -1.47 16.51 10.38
CA ASP A 153 -1.83 15.20 10.92
C ASP A 153 -0.61 14.48 11.49
N TRP A 154 0.48 14.39 10.73
CA TRP A 154 1.62 13.59 11.14
C TRP A 154 2.59 14.33 12.05
N VAL A 155 2.39 15.63 12.30
CA VAL A 155 3.19 16.31 13.31
C VAL A 155 2.63 16.08 14.70
N GLN A 156 1.31 16.26 14.86
CA GLN A 156 0.69 16.01 16.16
C GLN A 156 0.76 14.55 16.55
N GLU A 157 0.67 13.64 15.57
CA GLU A 157 0.86 12.22 15.85
C GLU A 157 2.31 11.87 16.12
N ASN A 158 3.22 12.83 16.05
CA ASN A 158 4.62 12.64 16.38
C ASN A 158 5.32 11.67 15.42
N TYR A 159 4.81 11.58 14.19
CA TYR A 159 5.46 10.78 13.16
C TYR A 159 6.47 11.57 12.35
N LEU A 160 6.36 12.89 12.31
CA LEU A 160 7.25 13.72 11.49
C LEU A 160 7.53 15.02 12.22
N GLU A 161 8.58 15.70 11.76
CA GLU A 161 8.95 17.03 12.22
C GLU A 161 9.05 17.97 11.04
N TYR A 162 8.69 19.24 11.25
CA TYR A 162 8.58 20.21 10.17
C TYR A 162 9.09 21.57 10.68
N ARG A 163 10.33 21.91 10.32
CA ARG A 163 10.95 23.14 10.79
C ARG A 163 11.62 23.86 9.62
N GLN A 164 12.05 25.09 9.89
CA GLN A 164 12.57 25.99 8.86
C GLN A 164 13.94 25.53 8.35
N VAL A 165 14.62 26.41 7.62
CA VAL A 165 15.89 26.06 6.98
C VAL A 165 16.95 25.78 8.05
N PRO A 166 17.43 26.78 8.82
CA PRO A 166 18.62 26.54 9.62
C PRO A 166 18.38 25.54 10.76
N ARG A 172 13.23 27.86 2.86
CA ARG A 172 13.31 26.41 2.70
C ARG A 172 12.79 25.69 3.95
N TYR A 173 12.24 24.50 3.75
CA TYR A 173 11.72 23.69 4.84
C TYR A 173 12.22 22.26 4.65
N GLU A 174 12.04 21.45 5.68
CA GLU A 174 12.52 20.07 5.62
C GLU A 174 11.72 19.20 6.58
N PHE A 175 11.77 17.89 6.33
CA PHE A 175 11.07 16.89 7.13
C PHE A 175 12.09 15.97 7.78
N LEU A 176 11.81 15.59 9.03
CA LEU A 176 12.60 14.60 9.74
C LEU A 176 11.66 13.63 10.44
N TRP A 177 12.14 12.41 10.66
CA TRP A 177 11.40 11.45 11.46
C TRP A 177 11.06 12.04 12.83
N GLY A 178 9.97 11.58 13.41
CA GLY A 178 9.54 12.03 14.72
C GLY A 178 9.85 11.02 15.79
N PRO A 179 9.42 11.31 17.03
CA PRO A 179 9.64 10.33 18.11
C PRO A 179 8.85 9.05 17.93
N ARG A 180 7.58 9.16 17.51
CA ARG A 180 6.76 7.96 17.34
C ARG A 180 7.20 7.13 16.15
N ALA A 181 7.79 7.76 15.12
CA ALA A 181 8.30 7.00 13.99
C ALA A 181 9.52 6.19 14.41
N LEU A 182 10.45 6.80 15.15
CA LEU A 182 11.63 6.08 15.62
C LEU A 182 11.27 5.01 16.66
N ALA A 183 10.12 5.15 17.32
CA ALA A 183 9.74 4.20 18.36
C ALA A 183 9.11 2.94 17.78
N GLU A 184 8.38 3.05 16.67
CA GLU A 184 7.66 1.93 16.09
C GLU A 184 8.39 1.25 14.94
N THR A 185 9.36 1.92 14.32
CA THR A 185 10.17 1.30 13.29
C THR A 185 11.54 1.98 13.28
N SER A 186 12.39 1.57 12.35
CA SER A 186 13.75 2.09 12.29
C SER A 186 14.11 2.43 10.86
N TYR A 187 15.20 3.18 10.72
CA TYR A 187 15.76 3.44 9.40
C TYR A 187 16.11 2.15 8.68
N VAL A 188 16.63 1.16 9.42
CA VAL A 188 17.03 -0.10 8.82
C VAL A 188 15.83 -0.99 8.50
N LYS A 189 14.76 -0.89 9.29
CA LYS A 189 13.57 -1.69 9.00
C LYS A 189 12.81 -1.15 7.78
N VAL A 190 12.80 0.17 7.58
CA VAL A 190 12.13 0.75 6.43
C VAL A 190 12.95 0.47 5.16
N LEU A 191 14.24 0.78 5.20
CA LEU A 191 15.10 0.60 4.04
C LEU A 191 15.20 -0.85 3.57
N GLU A 192 14.85 -1.80 4.43
CA GLU A 192 14.76 -3.21 4.02
C GLU A 192 13.38 -3.57 3.49
N HIS A 193 12.33 -2.89 3.95
CA HIS A 193 11.03 -3.04 3.31
C HIS A 193 11.07 -2.51 1.89
N VAL A 194 11.85 -1.45 1.65
CA VAL A 194 12.04 -0.94 0.29
C VAL A 194 12.81 -1.94 -0.56
N VAL A 195 13.79 -2.63 0.03
CA VAL A 195 14.58 -3.59 -0.71
C VAL A 195 13.80 -4.86 -0.98
N ARG A 196 13.02 -5.32 0.00
CA ARG A 196 12.25 -6.54 -0.18
C ARG A 196 11.14 -6.36 -1.21
N VAL A 197 10.58 -5.16 -1.33
CA VAL A 197 9.52 -4.93 -2.28
C VAL A 197 10.08 -4.63 -3.67
N ASN A 198 11.18 -3.88 -3.73
CA ASN A 198 11.86 -3.66 -5.01
C ASN A 198 12.36 -4.97 -5.62
N ALA A 199 12.42 -6.06 -4.85
CA ALA A 199 12.89 -7.35 -5.31
C ALA A 199 11.80 -8.41 -5.23
N ARG A 200 10.54 -8.01 -5.41
CA ARG A 200 9.43 -8.93 -5.36
C ARG A 200 9.28 -9.67 -6.69
N VAL A 201 8.62 -10.83 -6.64
CA VAL A 201 8.30 -11.58 -7.85
C VAL A 201 7.11 -10.91 -8.52
N ARG A 202 7.33 -10.43 -9.74
CA ARG A 202 6.32 -9.63 -10.43
C ARG A 202 5.29 -10.55 -11.10
N ILE A 203 4.04 -10.42 -10.69
CA ILE A 203 2.96 -11.21 -11.25
C ILE A 203 2.52 -10.61 -12.57
N ALA A 204 2.32 -11.47 -13.58
CA ALA A 204 1.82 -11.06 -14.87
C ALA A 204 0.46 -11.71 -15.12
N TYR A 205 -0.47 -10.93 -15.65
CA TYR A 205 -1.81 -11.45 -15.91
C TYR A 205 -1.73 -12.61 -16.90
N PRO A 206 -2.53 -13.66 -16.72
CA PRO A 206 -2.50 -14.78 -17.65
C PRO A 206 -3.33 -14.50 -18.89
N SER A 207 -2.91 -15.10 -20.01
CA SER A 207 -3.74 -15.10 -21.20
C SER A 207 -4.89 -16.10 -21.01
N LEU A 208 -5.75 -16.19 -22.03
CA LEU A 208 -6.86 -17.14 -21.95
C LEU A 208 -6.38 -18.56 -22.16
N ARG A 209 -5.41 -18.76 -23.06
CA ARG A 209 -4.83 -20.09 -23.26
C ARG A 209 -4.15 -20.58 -22.00
N GLU A 210 -3.37 -19.70 -21.35
CA GLU A 210 -2.68 -20.08 -20.12
C GLU A 210 -3.67 -20.42 -19.01
N ALA A 211 -4.68 -19.55 -18.81
CA ALA A 211 -5.60 -19.74 -17.70
C ALA A 211 -6.41 -21.02 -17.87
N ALA A 212 -6.71 -21.40 -19.11
CA ALA A 212 -7.44 -22.64 -19.35
C ALA A 212 -6.55 -23.86 -19.22
N LEU A 213 -5.24 -23.71 -19.48
CA LEU A 213 -4.32 -24.83 -19.32
C LEU A 213 -4.29 -25.33 -17.87
N LEU A 214 -4.53 -24.44 -16.92
CA LEU A 214 -4.47 -24.79 -15.50
C LEU A 214 -5.85 -25.27 -15.05
N GLU A 215 -6.17 -26.49 -15.46
CA GLU A 215 -7.44 -27.13 -15.13
C GLU A 215 -7.39 -28.61 -15.47
N TYR B 1 2.47 6.52 -10.12
CA TYR B 1 3.78 5.86 -10.12
C TYR B 1 4.57 6.22 -8.87
N ILE B 2 4.99 5.18 -8.15
CA ILE B 2 5.80 5.33 -6.94
C ILE B 2 7.22 4.94 -7.31
N ARG B 3 8.13 5.90 -7.22
CA ARG B 3 9.52 5.63 -7.59
C ARG B 3 10.37 5.16 -6.42
N LEU B 4 9.76 4.84 -5.28
CA LEU B 4 10.46 4.15 -4.21
C LEU B 4 10.61 2.69 -4.61
N TYR B 5 9.53 1.93 -4.52
CA TYR B 5 9.41 0.64 -5.17
C TYR B 5 8.66 0.84 -6.49
N ASP B 6 9.28 0.47 -7.60
CA ASP B 6 8.70 0.80 -8.91
C ASP B 6 7.44 -0.02 -9.13
N TYR B 7 6.30 0.65 -9.02
CA TYR B 7 4.99 0.04 -9.09
C TYR B 7 3.99 1.10 -9.50
C1 EDO C . -7.63 0.87 -4.57
O1 EDO C . -7.35 1.82 -5.58
C2 EDO C . -7.39 -0.52 -5.10
O2 EDO C . -6.04 -0.67 -5.49
C TRS D . 15.11 2.59 -8.57
C1 TRS D . 13.62 2.91 -8.37
C2 TRS D . 15.24 1.19 -9.19
C3 TRS D . 15.90 2.73 -7.27
N TRS D . 15.72 3.57 -9.50
O1 TRS D . 12.99 1.78 -7.77
O2 TRS D . 14.44 1.19 -10.36
O3 TRS D . 16.82 3.79 -7.49
#